data_8F7U
#
_entry.id   8F7U
#
_cell.length_a   48.710
_cell.length_b   50.305
_cell.length_c   92.456
_cell.angle_alpha   90.000
_cell.angle_beta   93.110
_cell.angle_gamma   90.000
#
_symmetry.space_group_name_H-M   'P 1 21 1'
#
loop_
_entity.id
_entity.type
_entity.pdbx_description
1 polymer 'Activation peptide'
2 non-polymer (5S,8R,18S,21R)-N-{[4-(aminomethyl)phenyl]methyl}-21-[(benzenesulfonyl)amino]-3,11,20-trioxo-2,5,8,12,19-pentaazatetracyclo[21.2.2.2~5,8~.2~13,16~]hentriaconta-1(25),13,15,23,26,28-hexaene-18-carboxamide
3 non-polymer 'SULFATE ION'
4 non-polymer GLYCEROL
5 water water
#
_entity_poly.entity_id   1
_entity_poly.type   'polypeptide(L)'
_entity_poly.pdbx_seq_one_letter_code
;AAPSFDCGKPQVEPKKCPGRVVGGCVAHPHSWPWQVSLRTRFGMHFCGGTLISPEWVLTAAHCLEKSPRPSSYKVILGAH
QEVNLEPHVQEIEVSRLFLEPTRKDIALLKLSSPAVITDKVIPACLPSPNYVVADRTECFITGWGETQGTFGAGLLKEAQ
LPVIENKVCNRYEFLNGRVQSTELCAGHLAGGTDSCQGDAGGPLVCFEKDKYILQGVTSWGLGCARPNKPGVYVRVSRFV
TWIEGVMRNN
;
_entity_poly.pdbx_strand_id   A,B
#
loop_
_chem_comp.id
_chem_comp.type
_chem_comp.name
_chem_comp.formula
GGI non-polymer (5S,8R,18S,21R)-N-{[4-(aminomethyl)phenyl]methyl}-21-[(benzenesulfonyl)amino]-3,11,20-trioxo-2,5,8,12,19-pentaazatetracyclo[21.2.2.2~5,8~.2~13,16~]hentriaconta-1(25),13,15,23,26,28-hexaene-18-carboxamide 'C41 H48 N8 O6 S'
GOL non-polymer GLYCEROL 'C3 H8 O3'
SO4 non-polymer 'SULFATE ION' 'O4 S -2'
#
# COMPACT_ATOMS: atom_id res chain seq x y z
N ASP A 6 24.12 4.50 28.59
CA ASP A 6 23.66 5.92 28.64
C ASP A 6 22.75 6.25 27.46
N CYS A 7 21.46 6.30 27.70
CA CYS A 7 20.54 6.46 26.56
C CYS A 7 20.20 7.92 26.19
N GLY A 8 19.93 8.13 24.90
CA GLY A 8 19.38 9.43 24.45
C GLY A 8 20.34 10.56 24.32
N LYS A 9 21.60 10.31 24.63
CA LYS A 9 22.56 11.42 24.63
C LYS A 9 23.61 11.18 23.57
N PRO A 10 23.49 11.81 22.41
CA PRO A 10 24.48 11.58 21.35
C PRO A 10 25.83 12.16 21.71
N GLN A 11 26.88 11.40 21.43
CA GLN A 11 28.21 11.94 21.63
C GLN A 11 28.56 12.95 20.53
N VAL A 12 27.95 12.82 19.37
CA VAL A 12 28.09 13.81 18.28
C VAL A 12 26.78 14.59 18.29
N GLU A 13 26.84 15.88 18.58
CA GLU A 13 25.58 16.65 18.76
C GLU A 13 24.86 16.87 17.43
N PRO A 14 23.53 16.64 17.40
CA PRO A 14 22.77 16.91 16.22
C PRO A 14 22.66 18.38 15.86
N LYS A 15 22.42 18.67 14.60
CA LYS A 15 22.22 20.06 14.14
C LYS A 15 20.81 20.14 13.57
N LYS A 16 20.16 21.29 13.70
CA LYS A 16 18.81 21.50 13.11
C LYS A 16 18.99 21.86 11.64
N CYS A 17 17.91 21.85 10.88
CA CYS A 17 17.98 22.15 9.43
C CYS A 17 18.08 23.66 9.18
N PRO A 18 18.56 24.08 8.01
CA PRO A 18 18.71 25.50 7.67
C PRO A 18 17.40 26.29 7.79
N GLY A 19 17.51 27.55 8.24
N VAL A 21 13.17 10.60 3.90
CA VAL A 21 12.67 11.91 4.30
C VAL A 21 12.46 12.83 3.10
N VAL A 22 11.24 13.35 2.96
CA VAL A 22 10.94 14.36 1.95
C VAL A 22 11.19 15.70 2.61
N GLY A 23 11.86 16.60 1.89
CA GLY A 23 12.23 17.86 2.50
C GLY A 23 13.25 17.64 3.61
N GLY A 24 13.21 18.51 4.62
CA GLY A 24 14.18 18.38 5.70
C GLY A 24 15.59 18.63 5.22
N CYS A 25 16.54 17.92 5.80
CA CYS A 25 17.94 18.14 5.49
C CYS A 25 18.75 16.90 5.85
N VAL A 26 19.97 16.84 5.33
CA VAL A 26 20.90 15.79 5.70
C VAL A 26 21.35 16.00 7.15
N ALA A 27 21.34 14.93 7.92
CA ALA A 27 21.75 14.98 9.30
C ALA A 27 23.26 15.17 9.43
N HIS A 28 23.66 15.77 10.53
CA HIS A 28 25.07 15.77 10.89
C HIS A 28 25.47 14.33 11.16
N PRO A 29 26.52 13.84 10.48
CA PRO A 29 26.97 12.45 10.61
C PRO A 29 27.05 11.90 12.03
N HIS A 30 26.32 10.81 12.24
CA HIS A 30 26.24 10.07 13.51
C HIS A 30 25.66 10.86 14.69
N SER A 31 24.82 11.84 14.40
CA SER A 31 24.20 12.63 15.46
C SER A 31 22.92 11.96 15.95
N TRP A 32 22.53 10.90 15.25
CA TRP A 32 21.33 10.14 15.62
C TRP A 32 21.75 8.69 15.80
N PRO A 33 22.54 8.39 16.85
CA PRO A 33 23.27 7.12 16.91
C PRO A 33 22.40 5.89 17.21
N TRP A 34 21.13 6.07 17.49
CA TRP A 34 20.18 4.98 17.66
C TRP A 34 19.49 4.59 16.36
N GLN A 35 19.70 5.34 15.29
CA GLN A 35 19.03 5.06 14.03
C GLN A 35 19.61 3.80 13.41
N VAL A 36 18.74 2.85 13.09
CA VAL A 36 19.18 1.64 12.43
C VAL A 36 18.56 1.53 11.05
N SER A 37 19.27 0.86 10.16
CA SER A 37 18.75 0.47 8.87
C SER A 37 18.40 -1.02 8.91
N LEU A 38 17.15 -1.33 8.61
CA LEU A 38 16.68 -2.71 8.54
C LEU A 38 16.81 -3.17 7.11
N ARG A 39 17.49 -4.30 6.90
CA ARG A 39 17.76 -4.78 5.56
C ARG A 39 17.29 -6.22 5.42
N THR A 40 17.01 -6.56 4.16
CA THR A 40 16.69 -7.97 3.85
C THR A 40 17.99 -8.74 3.99
N ARG A 41 17.92 -10.07 4.01
CA ARG A 41 19.18 -10.86 4.07
C ARG A 41 20.02 -10.53 2.84
N PHE A 42 19.38 -10.07 1.76
CA PHE A 42 20.08 -9.72 0.50
C PHE A 42 20.88 -8.41 0.65
N GLY A 43 20.58 -7.58 1.66
CA GLY A 43 21.38 -6.37 1.90
C GLY A 43 20.73 -5.06 1.45
N MET A 44 19.45 -5.11 1.06
CA MET A 44 18.73 -3.90 0.60
C MET A 44 18.07 -3.17 1.79
N HIS A 45 18.26 -1.85 1.88
CA HIS A 45 17.54 -1.07 2.93
C HIS A 45 16.06 -0.98 2.57
N PHE A 46 15.16 -1.19 3.55
CA PHE A 46 13.74 -1.02 3.28
C PHE A 46 12.97 -0.41 4.44
N CYS A 47 13.54 -0.32 5.62
CA CYS A 47 12.85 0.23 6.78
C CYS A 47 13.89 0.76 7.75
N GLY A 48 13.42 1.59 8.67
CA GLY A 48 14.23 2.06 9.76
C GLY A 48 13.88 1.30 11.03
N GLY A 49 14.63 1.62 12.09
CA GLY A 49 14.38 1.12 13.42
C GLY A 49 15.16 1.97 14.40
N THR A 50 14.92 1.71 15.69
CA THR A 50 15.58 2.46 16.76
C THR A 50 16.17 1.47 17.75
N LEU A 51 17.47 1.60 18.01
CA LEU A 51 18.11 0.81 19.05
C LEU A 51 17.62 1.35 20.39
N ILE A 52 17.04 0.48 21.21
CA ILE A 52 16.54 0.87 22.54
C ILE A 52 17.30 0.21 23.67
N SER A 53 18.17 -0.74 23.37
CA SER A 53 19.11 -1.29 24.32
C SER A 53 20.10 -2.08 23.45
N PRO A 54 21.23 -2.52 24.00
CA PRO A 54 22.23 -3.18 23.14
C PRO A 54 21.69 -4.32 22.31
N GLU A 55 20.72 -5.09 22.81
CA GLU A 55 20.21 -6.24 22.09
C GLU A 55 18.83 -6.06 21.47
N TRP A 56 18.23 -4.87 21.54
CA TRP A 56 16.83 -4.71 21.19
C TRP A 56 16.63 -3.50 20.28
N VAL A 57 15.91 -3.71 19.17
CA VAL A 57 15.56 -2.67 18.22
C VAL A 57 14.05 -2.63 18.13
N LEU A 58 13.49 -1.42 18.14
CA LEU A 58 12.07 -1.23 17.95
C LEU A 58 11.81 -0.76 16.52
N THR A 59 10.82 -1.35 15.87
CA THR A 59 10.50 -1.00 14.50
C THR A 59 8.99 -1.08 14.32
N ALA A 60 8.52 -0.92 13.09
CA ALA A 60 7.10 -1.05 12.79
C ALA A 60 6.78 -2.48 12.39
N ALA A 61 5.64 -3.00 12.85
CA ALA A 61 5.27 -4.36 12.51
C ALA A 61 5.09 -4.53 11.01
N HIS A 62 4.61 -3.49 10.32
CA HIS A 62 4.35 -3.66 8.89
C HIS A 62 5.64 -3.84 8.10
N CYS A 63 6.77 -3.42 8.66
CA CYS A 63 8.06 -3.68 8.03
C CYS A 63 8.39 -5.15 7.98
N LEU A 64 7.77 -5.95 8.85
CA LEU A 64 8.04 -7.38 8.93
C LEU A 64 6.97 -8.20 8.21
N GLU A 65 6.04 -7.54 7.52
CA GLU A 65 4.92 -8.22 6.82
C GLU A 65 5.39 -9.31 5.86
N LYS A 66 6.50 -9.09 5.14
CA LYS A 66 6.97 -10.02 4.09
C LYS A 66 7.46 -11.36 4.65
N SER A 67 7.97 -11.41 5.88
CA SER A 67 8.49 -12.70 6.41
C SER A 67 8.52 -12.74 7.94
N PRO A 68 7.98 -13.81 8.56
CA PRO A 68 8.02 -13.96 10.01
C PRO A 68 9.32 -14.64 10.49
N ARG A 69 10.24 -14.86 9.57
CA ARG A 69 11.50 -15.56 9.92
C ARG A 69 12.59 -14.54 10.25
N PRO A 70 13.14 -14.58 11.47
CA PRO A 70 14.17 -13.62 11.88
C PRO A 70 15.36 -13.64 10.91
N SER A 71 15.63 -14.80 10.29
CA SER A 71 16.75 -14.90 9.36
C SER A 71 16.56 -14.08 8.10
N SER A 72 15.37 -13.55 7.86
CA SER A 72 15.15 -12.71 6.68
C SER A 72 15.69 -11.30 6.86
N TYR A 73 16.17 -10.94 8.06
CA TYR A 73 16.48 -9.56 8.41
C TYR A 73 17.87 -9.43 9.01
N LYS A 74 18.49 -8.27 8.77
CA LYS A 74 19.68 -7.86 9.49
C LYS A 74 19.61 -6.37 9.72
N VAL A 75 20.37 -5.92 10.72
CA VAL A 75 20.34 -4.53 11.18
C VAL A 75 21.71 -3.92 10.96
N ILE A 76 21.72 -2.69 10.43
CA ILE A 76 22.94 -1.91 10.25
C ILE A 76 22.92 -0.77 11.25
N LEU A 77 23.92 -0.69 12.10
CA LEU A 77 24.03 0.33 13.13
C LEU A 77 25.27 1.21 12.87
N GLY A 78 25.14 2.49 13.23
CA GLY A 78 26.28 3.39 13.14
C GLY A 78 26.51 4.02 11.79
N ALA A 79 25.54 3.98 10.90
CA ALA A 79 25.72 4.38 9.52
C ALA A 79 25.26 5.82 9.31
N HIS A 80 25.80 6.43 8.24
CA HIS A 80 25.32 7.75 7.76
C HIS A 80 25.01 7.53 6.28
N GLN A 81 25.99 6.99 5.54
CA GLN A 81 25.75 6.62 4.12
C GLN A 81 25.05 5.27 4.10
N GLU A 82 24.10 5.08 3.19
CA GLU A 82 23.29 3.83 3.13
C GLU A 82 23.98 2.77 2.26
N VAL A 83 24.59 3.16 1.15
CA VAL A 83 25.16 2.17 0.19
C VAL A 83 26.56 1.74 0.61
N ASN A 84 27.55 2.63 0.44
CA ASN A 84 28.94 2.30 0.83
C ASN A 84 29.07 2.46 2.35
N LEU A 85 28.78 1.42 3.12
CA LEU A 85 28.82 1.53 4.60
C LEU A 85 30.23 1.89 5.06
N GLU A 86 30.34 2.87 5.97
CA GLU A 86 31.67 3.32 6.45
C GLU A 86 32.37 2.18 7.19
N PRO A 87 33.69 2.22 7.38
CA PRO A 87 34.42 1.11 7.98
C PRO A 87 33.89 0.54 9.30
N HIS A 88 33.54 1.40 10.26
CA HIS A 88 33.19 0.87 11.60
C HIS A 88 31.69 0.53 11.75
N VAL A 89 30.92 0.45 10.66
CA VAL A 89 29.50 0.16 10.82
C VAL A 89 29.31 -1.26 11.34
N GLN A 90 28.28 -1.45 12.17
CA GLN A 90 27.96 -2.76 12.73
C GLN A 90 26.80 -3.37 11.98
N GLU A 91 26.98 -4.59 11.48
CA GLU A 91 25.91 -5.39 10.90
C GLU A 91 25.63 -6.55 11.84
N ILE A 92 24.40 -6.64 12.33
CA ILE A 92 24.07 -7.70 13.33
C ILE A 92 22.80 -8.40 12.87
N GLU A 93 22.79 -9.72 12.99
CA GLU A 93 21.61 -10.50 12.54
C GLU A 93 20.50 -10.39 13.57
N VAL A 94 19.32 -10.85 13.20
CA VAL A 94 18.17 -10.86 14.13
C VAL A 94 17.89 -12.30 14.56
N SER A 95 17.75 -12.53 15.85
CA SER A 95 17.46 -13.85 16.37
C SER A 95 15.98 -14.10 16.63
N ARG A 96 15.19 -13.07 16.91
CA ARG A 96 13.77 -13.28 17.17
C ARG A 96 13.00 -12.01 16.86
N LEU A 97 11.75 -12.19 16.40
CA LEU A 97 10.81 -11.12 16.08
C LEU A 97 9.62 -11.19 17.04
N PHE A 98 9.18 -10.01 17.52
CA PHE A 98 8.03 -9.90 18.41
C PHE A 98 7.09 -8.85 17.85
N LEU A 99 6.00 -9.29 17.23
CA LEU A 99 4.95 -8.36 16.82
C LEU A 99 4.07 -8.01 18.01
N GLU A 100 3.68 -6.74 18.09
CA GLU A 100 2.80 -6.33 19.16
C GLU A 100 1.52 -7.15 19.09
N PRO A 101 1.01 -7.64 20.23
CA PRO A 101 -0.02 -8.70 20.20
C PRO A 101 -1.44 -8.23 19.95
N THR A 102 -1.68 -6.94 19.80
CA THR A 102 -3.03 -6.46 19.50
C THR A 102 -3.11 -5.78 18.14
N ARG A 103 -2.27 -6.23 17.20
CA ARG A 103 -2.28 -5.76 15.82
C ARG A 103 -1.94 -4.27 15.69
N LYS A 104 -1.15 -3.82 16.64
CA LYS A 104 -0.56 -2.45 16.57
CA LYS A 104 -0.56 -2.45 16.57
C LYS A 104 0.77 -2.43 15.61
N ASP A 105 1.03 -1.29 15.04
CA ASP A 105 2.12 -1.26 14.05
C ASP A 105 3.49 -1.07 14.69
N ILE A 106 3.80 -1.97 15.62
CA ILE A 106 5.04 -1.88 16.37
C ILE A 106 5.55 -3.29 16.64
N ALA A 107 6.86 -3.43 16.71
CA ALA A 107 7.49 -4.74 16.82
C ALA A 107 8.88 -4.57 17.41
N LEU A 108 9.33 -5.62 18.07
CA LEU A 108 10.68 -5.70 18.62
C LEU A 108 11.49 -6.72 17.86
N LEU A 109 12.76 -6.39 17.64
CA LEU A 109 13.75 -7.31 17.11
C LEU A 109 14.78 -7.55 18.20
N LYS A 110 15.02 -8.82 18.53
CA LYS A 110 16.13 -9.17 19.41
C LYS A 110 17.33 -9.47 18.52
N LEU A 111 18.42 -8.74 18.74
CA LEU A 111 19.60 -8.93 17.90
C LEU A 111 20.35 -10.20 18.33
N SER A 112 21.03 -10.82 17.35
CA SER A 112 21.74 -12.07 17.63
C SER A 112 22.94 -11.84 18.55
N SER A 113 23.42 -10.61 18.63
CA SER A 113 24.48 -10.25 19.55
C SER A 113 24.24 -8.81 19.94
N PRO A 114 24.65 -8.39 21.14
CA PRO A 114 24.43 -7.01 21.56
C PRO A 114 25.30 -6.06 20.75
N ALA A 115 24.70 -4.96 20.32
CA ALA A 115 25.46 -3.91 19.66
C ALA A 115 26.55 -3.40 20.59
N VAL A 116 27.68 -3.04 20.01
CA VAL A 116 28.74 -2.39 20.78
C VAL A 116 28.44 -0.90 20.86
N ILE A 117 28.39 -0.38 22.09
CA ILE A 117 28.11 1.03 22.30
C ILE A 117 29.37 1.82 22.03
N THR A 118 29.25 2.85 21.20
CA THR A 118 30.37 3.67 20.76
C THR A 118 29.87 5.10 20.60
N ASP A 119 30.73 5.96 20.06
CA ASP A 119 30.33 7.37 19.83
C ASP A 119 29.30 7.43 18.70
N LYS A 120 29.11 6.35 17.94
CA LYS A 120 28.20 6.36 16.77
C LYS A 120 27.04 5.37 16.95
N VAL A 121 27.08 4.53 18.01
CA VAL A 121 26.00 3.54 18.27
C VAL A 121 25.56 3.70 19.73
N ILE A 122 24.41 4.34 19.96
CA ILE A 122 23.93 4.63 21.32
C ILE A 122 22.42 4.45 21.31
N PRO A 123 21.82 3.79 22.30
CA PRO A 123 20.36 3.60 22.29
C PRO A 123 19.62 4.89 22.65
N ALA A 124 18.40 5.00 22.12
CA ALA A 124 17.49 6.05 22.53
C ALA A 124 16.84 5.70 23.86
N CYS A 125 16.32 6.71 24.54
CA CYS A 125 15.61 6.49 25.79
C CYS A 125 14.14 6.24 25.51
N LEU A 126 13.52 5.46 26.38
CA LEU A 126 12.10 5.22 26.31
C LEU A 126 11.34 6.19 27.21
N PRO A 127 10.11 6.53 26.86
CA PRO A 127 9.29 7.40 27.71
C PRO A 127 8.68 6.63 28.88
N SER A 128 8.07 7.41 29.79
CA SER A 128 7.27 6.79 30.84
C SER A 128 5.92 6.35 30.27
N PRO A 129 5.32 5.31 30.83
CA PRO A 129 4.05 4.82 30.30
C PRO A 129 3.00 5.92 30.31
N ASN A 130 2.29 6.04 29.19
CA ASN A 130 1.10 6.86 29.05
C ASN A 130 1.38 8.35 28.92
N TYR A 131 2.64 8.77 28.86
CA TYR A 131 2.96 10.15 28.54
C TYR A 131 2.37 10.55 27.19
N VAL A 132 1.86 11.79 27.09
CA VAL A 132 1.23 12.30 25.87
C VAL A 132 2.02 13.52 25.37
N VAL A 133 2.76 13.36 24.27
CA VAL A 133 3.56 14.50 23.80
C VAL A 133 2.64 15.67 23.50
N ALA A 134 2.96 16.82 24.08
CA ALA A 134 2.05 17.95 23.99
C ALA A 134 1.93 18.51 22.58
N ASP A 135 0.76 19.05 22.28
CA ASP A 135 0.53 19.77 21.04
C ASP A 135 1.65 20.77 20.80
N ARG A 136 2.14 20.82 19.56
CA ARG A 136 3.15 21.76 19.05
C ARG A 136 4.57 21.43 19.46
N THR A 137 4.81 20.35 20.22
CA THR A 137 6.18 19.99 20.55
C THR A 137 6.96 19.71 19.28
N GLU A 138 8.12 20.34 19.13
CA GLU A 138 8.95 20.08 17.95
C GLU A 138 9.82 18.85 18.23
N CYS A 139 9.63 17.81 17.44
CA CYS A 139 10.39 16.58 17.57
C CYS A 139 11.14 16.35 16.26
N PHE A 140 11.96 15.31 16.24
CA PHE A 140 12.75 14.99 15.05
C PHE A 140 12.42 13.60 14.54
N ILE A 141 12.32 13.47 13.22
CA ILE A 141 12.23 12.17 12.57
C ILE A 141 13.48 12.02 11.72
N THR A 142 13.93 10.79 11.55
CA THR A 142 15.15 10.54 10.79
C THR A 142 14.98 9.29 9.95
N GLY A 143 15.73 9.20 8.86
CA GLY A 143 15.75 7.97 8.11
C GLY A 143 16.37 8.14 6.74
N TRP A 144 16.46 7.01 6.04
CA TRP A 144 16.78 6.93 4.63
C TRP A 144 15.50 6.45 3.98
N GLY A 145 14.85 7.31 3.22
CA GLY A 145 13.62 6.89 2.58
C GLY A 145 13.33 7.48 1.22
N GLU A 146 12.10 7.97 1.06
CA GLU A 146 11.64 8.53 -0.19
C GLU A 146 11.64 10.05 -0.09
N GLY A 154 21.38 8.74 -0.52
CA GLY A 154 21.74 7.70 0.39
C GLY A 154 22.32 8.16 1.71
N LEU A 155 22.14 9.44 2.05
CA LEU A 155 22.62 9.99 3.31
C LEU A 155 21.47 10.09 4.30
N LEU A 156 21.76 9.86 5.58
CA LEU A 156 20.71 9.93 6.57
C LEU A 156 20.15 11.35 6.67
N LYS A 157 18.83 11.47 6.60
CA LYS A 157 18.17 12.76 6.68
C LYS A 157 17.36 12.88 7.96
N GLU A 158 16.99 14.13 8.26
CA GLU A 158 16.21 14.47 9.44
C GLU A 158 15.20 15.54 9.04
N ALA A 159 14.16 15.67 9.85
CA ALA A 159 13.23 16.78 9.74
C ALA A 159 12.72 17.06 11.14
N GLN A 160 12.52 18.35 11.45
CA GLN A 160 11.92 18.77 12.70
C GLN A 160 10.46 19.09 12.43
N LEU A 161 9.56 18.40 13.12
CA LEU A 161 8.14 18.48 12.84
C LEU A 161 7.39 18.70 14.14
N PRO A 162 6.33 19.51 14.13
CA PRO A 162 5.55 19.71 15.36
C PRO A 162 4.51 18.62 15.52
N VAL A 163 4.37 18.16 16.77
CA VAL A 163 3.29 17.26 17.11
C VAL A 163 1.96 18.01 17.01
N ILE A 164 0.95 17.31 16.51
CA ILE A 164 -0.41 17.81 16.41
C ILE A 164 -1.27 16.92 17.29
N GLU A 165 -1.91 17.50 18.30
CA GLU A 165 -2.65 16.67 19.23
C GLU A 165 -3.73 15.88 18.51
N ASN A 166 -4.00 14.67 18.98
CA ASN A 166 -4.93 13.74 18.27
C ASN A 166 -6.31 14.35 17.97
N LYS A 167 -6.79 15.06 18.85
CA LYS A 167 -8.17 15.60 18.68
C LYS A 167 -8.18 16.59 17.53
N VAL A 168 -7.16 17.31 17.30
CA VAL A 168 -7.05 18.19 16.10
C VAL A 168 -6.72 17.34 14.88
N CYS A 169 -5.76 16.43 15.03
CA CYS A 169 -5.36 15.57 13.90
C CYS A 169 -6.56 14.77 13.38
N ASN A 170 -7.54 14.44 14.23
CA ASN A 170 -8.69 13.59 13.81
C ASN A 170 -9.83 14.39 13.17
N ARG A 171 -9.67 15.70 13.10
CA ARG A 171 -10.70 16.55 12.46
C ARG A 171 -10.81 16.23 10.97
N TYR A 172 -11.97 16.51 10.39
CA TYR A 172 -12.19 16.29 8.94
C TYR A 172 -11.11 17.01 8.14
N GLU A 173 -10.68 18.19 8.60
CA GLU A 173 -9.69 18.92 7.82
C GLU A 173 -8.36 18.19 7.71
N PHE A 174 -8.08 17.26 8.64
CA PHE A 174 -6.81 16.57 8.66
C PHE A 174 -7.03 15.10 8.37
N LEU A 175 -7.00 14.22 9.36
CA LEU A 175 -7.05 12.79 9.13
C LEU A 175 -8.41 12.15 9.43
N ASN A 176 -9.41 12.96 9.80
CA ASN A 176 -10.83 12.56 9.77
C ASN A 176 -11.09 11.24 10.50
N GLY A 177 -10.73 11.22 11.78
CA GLY A 177 -11.10 10.13 12.67
C GLY A 177 -10.27 8.87 12.57
N ARG A 178 -9.20 8.89 11.78
CA ARG A 178 -8.42 7.69 11.55
C ARG A 178 -7.40 7.41 12.66
N VAL A 179 -7.03 8.43 13.43
CA VAL A 179 -5.93 8.29 14.43
C VAL A 179 -6.43 7.71 15.76
N GLN A 180 -5.76 6.68 16.25
CA GLN A 180 -6.13 6.03 17.53
C GLN A 180 -5.30 6.62 18.67
N SER A 181 -5.71 6.36 19.91
CA SER A 181 -4.99 6.89 21.10
C SER A 181 -3.59 6.29 21.17
N THR A 182 -3.39 5.12 20.57
CA THR A 182 -2.08 4.47 20.55
C THR A 182 -1.20 5.00 19.44
N GLU A 183 -1.63 6.08 18.77
CA GLU A 183 -0.84 6.78 17.77
C GLU A 183 -0.75 8.26 18.11
N LEU A 184 0.21 8.93 17.49
CA LEU A 184 0.32 10.38 17.56
C LEU A 184 0.54 10.90 16.14
N CYS A 185 0.30 12.21 15.97
CA CYS A 185 0.46 12.87 14.69
C CYS A 185 1.55 13.91 14.81
N ALA A 186 2.30 14.09 13.72
CA ALA A 186 3.28 15.16 13.68
C ALA A 186 3.47 15.54 12.23
N GLY A 187 3.59 16.83 11.99
CA GLY A 187 3.82 17.22 10.62
C GLY A 187 3.69 18.69 10.39
N HIS A 188 4.26 19.14 9.26
CA HIS A 188 4.08 20.54 8.83
C HIS A 188 2.88 20.55 7.91
N LEU A 189 1.80 21.23 8.28
CA LEU A 189 0.52 21.15 7.52
C LEU A 189 0.56 21.87 6.17
N ALA A 190 1.60 22.67 5.89
CA ALA A 190 1.69 23.30 4.55
C ALA A 190 2.18 22.27 3.53
N GLY A 191 2.78 21.17 3.99
CA GLY A 191 3.30 20.19 3.06
C GLY A 191 4.78 20.42 2.76
N GLY A 192 5.39 19.39 2.17
CA GLY A 192 6.74 19.48 1.65
C GLY A 192 7.80 18.84 2.52
N THR A 193 7.49 18.51 3.78
CA THR A 193 8.47 17.92 4.70
C THR A 193 7.80 16.82 5.50
N ASP A 194 8.36 15.61 5.45
CA ASP A 194 7.69 14.48 6.09
C ASP A 194 8.62 13.28 6.05
N SER A 195 8.38 12.34 6.97
CA SER A 195 8.89 10.99 6.75
C SER A 195 8.13 10.32 5.60
N CYS A 196 8.74 9.31 5.01
CA CYS A 196 8.06 8.61 3.90
C CYS A 196 8.37 7.10 3.96
N GLN A 197 8.08 6.37 2.89
CA GLN A 197 8.16 4.89 2.92
C GLN A 197 9.43 4.31 3.57
N GLY A 198 10.62 4.58 3.05
CA GLY A 198 11.84 3.95 3.60
C GLY A 198 12.17 4.37 5.02
N ASP A 199 11.42 5.32 5.57
CA ASP A 199 11.64 5.80 6.96
C ASP A 199 10.78 5.00 7.93
N ALA A 200 9.85 4.21 7.39
CA ALA A 200 8.92 3.45 8.25
C ALA A 200 9.70 2.65 9.28
N GLY A 201 9.16 2.59 10.49
CA GLY A 201 9.81 1.85 11.55
C GLY A 201 10.86 2.64 12.30
N GLY A 202 11.31 3.77 11.76
CA GLY A 202 12.31 4.59 12.39
C GLY A 202 11.75 5.49 13.47
N PRO A 203 12.65 6.25 14.06
CA PRO A 203 12.32 7.02 15.27
C PRO A 203 11.65 8.35 15.00
N LEU A 204 10.78 8.72 15.94
CA LEU A 204 10.42 10.11 16.20
C LEU A 204 10.88 10.37 17.62
N VAL A 205 11.85 11.27 17.80
CA VAL A 205 12.42 11.55 19.12
C VAL A 205 12.15 12.99 19.51
N CYS A 206 12.03 13.22 20.82
CA CYS A 206 11.84 14.58 21.35
C CYS A 206 12.86 14.84 22.44
N PHE A 207 13.45 16.03 22.38
CA PHE A 207 14.42 16.45 23.38
C PHE A 207 13.70 16.78 24.69
N GLU A 208 14.10 16.11 25.76
CA GLU A 208 13.45 16.31 27.08
C GLU A 208 14.55 16.59 28.12
N LYS A 209 14.64 17.84 28.57
CA LYS A 209 15.65 18.25 29.59
C LYS A 209 17.07 18.24 29.01
N ASP A 210 17.62 17.07 28.72
CA ASP A 210 19.03 16.99 28.28
C ASP A 210 19.27 15.79 27.39
N LYS A 211 18.21 15.13 26.94
CA LYS A 211 18.41 13.89 26.15
C LYS A 211 17.22 13.63 25.21
N TYR A 212 17.39 12.65 24.31
CA TYR A 212 16.33 12.38 23.31
C TYR A 212 15.52 11.14 23.71
N ILE A 213 14.20 11.30 23.77
CA ILE A 213 13.28 10.21 24.12
C ILE A 213 12.57 9.76 22.86
N LEU A 214 12.50 8.45 22.65
CA LEU A 214 11.76 7.85 21.54
C LEU A 214 10.27 7.92 21.83
N GLN A 215 9.57 8.85 21.18
CA GLN A 215 8.14 8.98 21.41
C GLN A 215 7.28 8.37 20.32
N GLY A 216 7.80 8.17 19.10
CA GLY A 216 7.00 7.61 18.04
C GLY A 216 7.81 6.67 17.18
N VAL A 217 7.08 5.76 16.51
CA VAL A 217 7.61 4.88 15.48
C VAL A 217 6.90 5.24 14.19
N THR A 218 7.65 5.57 13.16
CA THR A 218 7.07 5.99 11.88
C THR A 218 6.19 4.87 11.33
N SER A 219 4.92 5.19 11.07
CA SER A 219 3.93 4.15 10.80
C SER A 219 3.23 4.35 9.46
N TRP A 220 2.41 5.38 9.30
CA TRP A 220 1.61 5.53 8.11
C TRP A 220 1.27 6.99 7.90
N GLY A 221 0.67 7.28 6.76
CA GLY A 221 0.14 8.60 6.49
C GLY A 221 -0.73 8.53 5.26
N LEU A 222 -1.50 9.59 5.05
CA LEU A 222 -2.21 9.77 3.78
C LEU A 222 -1.20 10.43 2.85
N GLY A 223 -0.47 9.59 2.11
CA GLY A 223 0.66 10.09 1.35
C GLY A 223 1.80 10.55 2.25
N CYS A 224 2.70 11.32 1.64
CA CYS A 224 3.83 11.91 2.35
C CYS A 224 3.93 13.38 1.98
N ALA A 225 4.14 14.22 2.98
CA ALA A 225 4.44 15.63 2.78
C ALA A 225 3.31 16.38 2.09
N ARG A 226 2.10 15.86 2.14
CA ARG A 226 0.98 16.57 1.53
C ARG A 226 0.38 17.58 2.51
N PRO A 227 -0.20 18.66 1.99
CA PRO A 227 -0.85 19.64 2.86
C PRO A 227 -1.92 18.97 3.72
N ASN A 228 -1.99 19.37 4.98
CA ASN A 228 -3.04 18.98 5.90
C ASN A 228 -3.07 17.49 6.15
N LYS A 229 -1.96 16.78 5.93
CA LYS A 229 -1.91 15.33 6.08
C LYS A 229 -0.63 15.00 6.86
N PRO A 230 -0.66 15.20 8.17
CA PRO A 230 0.54 14.93 8.97
C PRO A 230 0.76 13.44 9.11
N GLY A 231 2.01 13.05 9.29
CA GLY A 231 2.32 11.66 9.48
C GLY A 231 1.80 11.13 10.80
N VAL A 232 1.55 9.81 10.81
CA VAL A 232 1.05 9.09 11.96
C VAL A 232 2.13 8.13 12.46
N TYR A 233 2.35 8.13 13.77
CA TYR A 233 3.42 7.40 14.44
C TYR A 233 2.79 6.56 15.53
N VAL A 234 3.32 5.36 15.78
CA VAL A 234 2.89 4.64 16.96
C VAL A 234 3.36 5.41 18.19
N ARG A 235 2.46 5.56 19.17
CA ARG A 235 2.72 6.29 20.40
C ARG A 235 3.45 5.34 21.36
N VAL A 236 4.78 5.48 21.40
CA VAL A 236 5.62 4.52 22.12
C VAL A 236 5.22 4.41 23.60
N SER A 237 4.81 5.54 24.21
CA SER A 237 4.47 5.49 25.63
C SER A 237 3.36 4.51 25.95
N ARG A 238 2.52 4.17 24.98
CA ARG A 238 1.45 3.20 25.21
C ARG A 238 1.92 1.76 25.07
N PHE A 239 3.18 1.56 24.75
CA PHE A 239 3.73 0.22 24.58
C PHE A 239 4.95 -0.05 25.44
N VAL A 240 5.35 0.89 26.31
CA VAL A 240 6.53 0.68 27.14
C VAL A 240 6.38 -0.51 28.07
N THR A 241 5.22 -0.65 28.72
CA THR A 241 5.04 -1.81 29.61
C THR A 241 5.16 -3.13 28.84
N TRP A 242 4.57 -3.20 27.64
CA TRP A 242 4.71 -4.41 26.82
C TRP A 242 6.16 -4.65 26.43
N ILE A 243 6.84 -3.61 25.95
CA ILE A 243 8.23 -3.71 25.55
C ILE A 243 9.08 -4.23 26.71
N GLU A 244 8.88 -3.66 27.89
CA GLU A 244 9.67 -4.08 29.05
C GLU A 244 9.42 -5.54 29.40
N GLY A 245 8.16 -5.98 29.29
CA GLY A 245 7.86 -7.38 29.58
C GLY A 245 8.53 -8.31 28.59
N VAL A 246 8.53 -7.95 27.31
CA VAL A 246 9.18 -8.79 26.32
C VAL A 246 10.67 -8.89 26.62
N MET A 247 11.32 -7.75 26.88
N MET A 247 11.42 -7.74 26.87
CA MET A 247 12.75 -7.77 27.16
CA MET A 247 12.85 -7.77 27.15
C MET A 247 13.05 -8.57 28.42
C MET A 247 13.15 -8.57 28.41
N ARG A 248 12.21 -8.42 29.46
CA ARG A 248 12.45 -9.12 30.73
C ARG A 248 12.34 -10.63 30.59
N ASN A 249 11.42 -11.10 29.75
CA ASN A 249 11.07 -12.51 29.67
C ASN A 249 11.74 -13.23 28.50
N ASN A 250 12.60 -12.53 27.77
CA ASN A 250 13.25 -13.08 26.57
C ASN A 250 14.71 -12.65 26.44
N ALA B 1 -2.55 1.81 -40.85
CA ALA B 1 -1.87 0.69 -41.52
C ALA B 1 -0.69 0.19 -40.70
N ALA B 2 -0.13 1.03 -39.86
CA ALA B 2 1.02 0.63 -39.06
C ALA B 2 0.63 -0.43 -38.05
N PRO B 3 1.58 -1.21 -37.56
CA PRO B 3 1.22 -2.29 -36.64
C PRO B 3 0.71 -1.72 -35.32
N SER B 4 -0.35 -2.34 -34.80
CA SER B 4 -1.00 -1.94 -33.56
C SER B 4 -0.62 -2.90 -32.43
N PHE B 5 -1.14 -2.64 -31.24
CA PHE B 5 -0.82 -3.51 -30.09
C PHE B 5 -1.63 -4.81 -30.09
N ASP B 6 -1.01 -5.89 -29.60
CA ASP B 6 -1.72 -7.16 -29.43
C ASP B 6 -2.41 -7.08 -28.07
N CYS B 7 -3.64 -7.53 -27.99
CA CYS B 7 -4.36 -7.48 -26.70
C CYS B 7 -4.68 -8.86 -26.16
N GLY B 8 -4.81 -8.94 -24.84
CA GLY B 8 -5.33 -10.13 -24.21
C GLY B 8 -4.37 -11.29 -24.08
N LYS B 9 -3.11 -11.15 -24.49
CA LYS B 9 -2.14 -12.24 -24.50
C LYS B 9 -0.97 -11.86 -23.59
N PRO B 10 -0.95 -12.34 -22.36
CA PRO B 10 0.13 -11.95 -21.46
C PRO B 10 1.45 -12.59 -21.88
N GLN B 11 2.49 -11.78 -21.86
CA GLN B 11 3.81 -12.33 -22.16
C GLN B 11 4.32 -13.21 -21.02
N VAL B 12 3.85 -12.94 -19.80
CA VAL B 12 4.08 -13.80 -18.64
C VAL B 12 2.81 -14.62 -18.41
N GLU B 13 2.91 -15.94 -18.50
CA GLU B 13 1.70 -16.76 -18.51
C GLU B 13 1.07 -16.83 -17.11
N PRO B 14 -0.24 -16.63 -16.99
CA PRO B 14 -0.88 -16.79 -15.68
C PRO B 14 -0.79 -18.20 -15.16
N LYS B 15 -0.87 -18.30 -13.83
CA LYS B 15 -0.98 -19.55 -13.13
C LYS B 15 -2.30 -19.58 -12.38
N LYS B 16 -2.87 -20.76 -12.26
CA LYS B 16 -4.03 -20.97 -11.43
C LYS B 16 -3.60 -21.03 -9.97
N CYS B 17 -4.58 -21.03 -9.08
CA CYS B 17 -4.27 -21.12 -7.67
C CYS B 17 -3.88 -22.55 -7.26
N PRO B 18 -3.22 -22.76 -6.08
CA PRO B 18 -2.77 -24.11 -5.69
C PRO B 18 -3.90 -25.15 -5.67
N GLY B 19 -3.66 -26.29 -6.32
CA GLY B 19 -4.65 -27.39 -6.31
C GLY B 19 -5.64 -27.33 -7.45
N ARG B 20 -5.60 -26.27 -8.28
CA ARG B 20 -6.59 -26.11 -9.37
C ARG B 20 -5.98 -26.55 -10.71
N VAL B 21 -8.96 -9.09 -2.91
CA VAL B 21 -9.47 -10.45 -3.17
C VAL B 21 -9.47 -11.21 -1.86
N VAL B 22 -10.63 -11.75 -1.46
CA VAL B 22 -10.75 -12.63 -0.31
C VAL B 22 -10.56 -14.05 -0.82
N GLY B 23 -9.76 -14.85 -0.11
CA GLY B 23 -9.45 -16.17 -0.64
C GLY B 23 -8.58 -16.04 -1.88
N GLY B 24 -8.74 -16.99 -2.80
CA GLY B 24 -7.93 -16.94 -3.99
C GLY B 24 -6.45 -17.14 -3.66
N CYS B 25 -5.59 -16.48 -4.42
CA CYS B 25 -4.16 -16.65 -4.22
C CYS B 25 -3.43 -15.47 -4.85
N VAL B 26 -2.15 -15.37 -4.53
CA VAL B 26 -1.29 -14.39 -5.18
C VAL B 26 -1.05 -14.79 -6.62
N ALA B 27 -1.17 -13.83 -7.52
CA ALA B 27 -0.94 -14.07 -8.93
C ALA B 27 0.55 -14.25 -9.23
N HIS B 28 0.83 -14.95 -10.32
CA HIS B 28 2.18 -14.96 -10.85
C HIS B 28 2.52 -13.55 -11.31
N PRO B 29 3.63 -12.97 -10.86
CA PRO B 29 3.85 -11.54 -11.10
C PRO B 29 3.80 -11.19 -12.57
N HIS B 30 3.04 -10.14 -12.89
CA HIS B 30 2.95 -9.56 -14.21
C HIS B 30 2.20 -10.40 -15.21
N SER B 31 1.51 -11.43 -14.73
CA SER B 31 0.70 -12.27 -15.61
C SER B 31 -0.68 -11.71 -15.92
N TRP B 32 -1.06 -10.59 -15.29
CA TRP B 32 -2.32 -9.90 -15.58
C TRP B 32 -1.94 -8.46 -15.97
N PRO B 33 -1.30 -8.31 -17.13
CA PRO B 33 -0.57 -7.06 -17.42
C PRO B 33 -1.48 -5.89 -17.78
N TRP B 34 -2.78 -6.10 -17.87
CA TRP B 34 -3.76 -5.04 -18.02
C TRP B 34 -4.30 -4.54 -16.70
N GLN B 35 -3.94 -5.16 -15.57
CA GLN B 35 -4.46 -4.72 -14.28
C GLN B 35 -3.88 -3.37 -13.93
N VAL B 36 -4.76 -2.43 -13.58
CA VAL B 36 -4.37 -1.08 -13.14
C VAL B 36 -4.65 -0.93 -11.66
N SER B 37 -3.81 -0.15 -10.98
CA SER B 37 -4.13 0.32 -9.63
C SER B 37 -4.53 1.77 -9.77
N LEU B 38 -5.74 2.09 -9.35
CA LEU B 38 -6.23 3.47 -9.34
C LEU B 38 -5.95 4.05 -7.96
N ARG B 39 -5.25 5.19 -7.94
CA ARG B 39 -4.79 5.79 -6.70
C ARG B 39 -5.30 7.22 -6.58
N THR B 40 -5.29 7.65 -5.33
CA THR B 40 -5.64 9.06 -5.06
C THR B 40 -4.44 9.91 -5.46
N ARG B 41 -4.64 11.23 -5.48
CA ARG B 41 -3.54 12.17 -5.82
C ARG B 41 -2.36 11.93 -4.88
N PHE B 42 -2.64 11.55 -3.63
CA PHE B 42 -1.57 11.34 -2.62
C PHE B 42 -0.99 9.92 -2.69
N GLY B 43 -1.46 9.08 -3.60
CA GLY B 43 -0.81 7.80 -3.82
C GLY B 43 -1.46 6.58 -3.21
N MET B 44 -2.60 6.76 -2.58
CA MET B 44 -3.32 5.62 -1.99
CA MET B 44 -3.32 5.62 -1.99
C MET B 44 -4.28 4.75 -2.93
N HIS B 45 -3.87 3.48 -3.06
CA HIS B 45 -4.69 2.60 -3.87
C HIS B 45 -6.08 2.49 -3.26
N PHE B 46 -7.10 2.55 -4.11
CA PHE B 46 -8.46 2.37 -3.62
C PHE B 46 -9.36 1.61 -4.60
N CYS B 47 -8.94 1.38 -5.83
CA CYS B 47 -9.77 0.69 -6.82
C CYS B 47 -8.86 0.09 -7.86
N GLY B 48 -9.42 -0.83 -8.66
CA GLY B 48 -8.75 -1.35 -9.81
C GLY B 48 -9.27 -0.72 -11.10
N GLY B 49 -8.66 -1.13 -12.20
CA GLY B 49 -9.08 -0.75 -13.53
C GLY B 49 -8.42 -1.71 -14.49
N THR B 50 -8.77 -1.58 -15.77
CA THR B 50 -8.21 -2.42 -16.84
C THR B 50 -7.73 -1.55 -17.98
N LEU B 51 -6.47 -1.71 -18.37
CA LEU B 51 -5.97 -1.03 -19.56
C LEU B 51 -6.61 -1.68 -20.78
N ILE B 52 -7.28 -0.88 -21.61
CA ILE B 52 -7.93 -1.39 -22.82
C ILE B 52 -7.29 -0.86 -24.10
N SER B 53 -6.43 0.13 -24.00
CA SER B 53 -5.60 0.60 -25.08
C SER B 53 -4.55 1.47 -24.39
N PRO B 54 -3.47 1.86 -25.06
CA PRO B 54 -2.41 2.60 -24.36
C PRO B 54 -2.91 3.83 -23.62
N GLU B 55 -3.94 4.52 -24.11
CA GLU B 55 -4.37 5.77 -23.50
C GLU B 55 -5.63 5.64 -22.65
N TRP B 56 -6.20 4.45 -22.51
CA TRP B 56 -7.55 4.31 -21.98
C TRP B 56 -7.63 3.21 -20.94
N VAL B 57 -8.22 3.53 -19.79
CA VAL B 57 -8.46 2.58 -18.71
C VAL B 57 -9.95 2.53 -18.44
N LEU B 58 -10.47 1.32 -18.28
CA LEU B 58 -11.86 1.09 -17.93
C LEU B 58 -11.94 0.78 -16.45
N THR B 59 -12.85 1.41 -15.75
CA THR B 59 -13.01 1.21 -14.30
C THR B 59 -14.49 1.29 -13.96
N ALA B 60 -14.83 1.22 -12.67
CA ALA B 60 -16.21 1.40 -12.22
C ALA B 60 -16.49 2.86 -11.91
N ALA B 61 -17.69 3.33 -12.26
CA ALA B 61 -18.04 4.75 -12.02
C ALA B 61 -18.03 5.08 -10.52
N HIS B 62 -18.41 4.13 -9.67
CA HIS B 62 -18.50 4.40 -8.22
C HIS B 62 -17.11 4.72 -7.66
N CYS B 63 -16.06 4.26 -8.33
CA CYS B 63 -14.67 4.57 -7.89
C CYS B 63 -14.38 6.07 -8.06
N LEU B 64 -15.14 6.73 -8.92
CA LEU B 64 -14.91 8.14 -9.19
C LEU B 64 -15.91 9.06 -8.49
N GLU B 65 -16.72 8.50 -7.59
CA GLU B 65 -17.83 9.25 -7.03
C GLU B 65 -17.37 10.46 -6.22
N LYS B 66 -16.21 10.38 -5.56
CA LYS B 66 -15.81 11.42 -4.63
C LYS B 66 -15.24 12.67 -5.31
N SER B 67 -14.81 12.57 -6.57
CA SER B 67 -14.30 13.78 -7.22
C SER B 67 -14.51 13.72 -8.72
N PRO B 68 -15.07 14.77 -9.34
CA PRO B 68 -15.12 14.82 -10.81
C PRO B 68 -13.85 15.31 -11.46
N ARG B 69 -12.81 15.62 -10.69
CA ARG B 69 -11.62 16.23 -11.25
C ARG B 69 -10.63 15.16 -11.67
N PRO B 70 -10.23 15.12 -12.94
CA PRO B 70 -9.20 14.16 -13.36
C PRO B 70 -7.93 14.24 -12.52
N SER B 71 -7.55 15.42 -12.05
CA SER B 71 -6.33 15.57 -11.25
C SER B 71 -6.43 14.86 -9.91
N SER B 72 -7.62 14.40 -9.52
CA SER B 72 -7.75 13.67 -8.26
C SER B 72 -7.26 12.24 -8.35
N TYR B 73 -6.95 11.78 -9.56
CA TYR B 73 -6.59 10.34 -9.74
C TYR B 73 -5.31 10.16 -10.54
N LYS B 74 -4.82 8.97 -10.34
CA LYS B 74 -3.63 8.64 -11.14
C LYS B 74 -3.53 7.11 -11.15
N VAL B 75 -2.86 6.61 -12.17
CA VAL B 75 -2.92 5.16 -12.47
C VAL B 75 -1.53 4.53 -12.38
N ILE B 76 -1.46 3.35 -11.80
CA ILE B 76 -0.19 2.59 -11.75
C ILE B 76 -0.35 1.36 -12.65
N LEU B 77 0.52 1.23 -13.64
CA LEU B 77 0.50 0.12 -14.57
C LEU B 77 1.76 -0.71 -14.40
N GLY B 78 1.64 -2.03 -14.60
CA GLY B 78 2.79 -2.91 -14.55
C GLY B 78 3.17 -3.39 -13.16
N ALA B 79 2.29 -3.23 -12.18
CA ALA B 79 2.66 -3.51 -10.80
C ALA B 79 2.30 -4.91 -10.37
N HIS B 80 3.03 -5.38 -9.36
CA HIS B 80 2.67 -6.65 -8.69
C HIS B 80 2.52 -6.26 -7.22
N GLN B 81 3.50 -5.55 -6.69
CA GLN B 81 3.41 -5.02 -5.30
C GLN B 81 2.77 -3.63 -5.38
N GLU B 82 1.81 -3.33 -4.51
CA GLU B 82 1.08 -2.03 -4.54
C GLU B 82 1.85 -0.93 -3.81
N VAL B 83 1.66 -0.79 -2.49
CA VAL B 83 2.30 0.30 -1.68
C VAL B 83 3.75 0.52 -2.13
N ASN B 84 4.61 -0.48 -1.97
CA ASN B 84 6.00 -0.36 -2.46
C ASN B 84 5.99 -0.34 -4.00
N LEU B 85 6.64 0.64 -4.61
CA LEU B 85 6.59 0.76 -6.10
C LEU B 85 7.83 0.10 -6.72
N GLU B 86 7.63 -0.78 -7.69
CA GLU B 86 8.73 -1.42 -8.38
C GLU B 86 9.45 -0.44 -9.32
N PRO B 87 10.70 -0.72 -9.67
CA PRO B 87 11.43 0.29 -10.45
C PRO B 87 10.78 0.60 -11.79
N HIS B 88 10.30 -0.41 -12.51
CA HIS B 88 9.83 -0.22 -13.88
C HIS B 88 8.36 0.19 -13.96
N VAL B 89 7.65 0.26 -12.84
CA VAL B 89 6.22 0.52 -12.90
C VAL B 89 5.96 1.88 -13.58
N GLN B 90 4.87 1.99 -14.30
CA GLN B 90 4.51 3.25 -14.95
C GLN B 90 3.44 3.97 -14.14
N GLU B 91 3.70 5.20 -13.74
CA GLU B 91 2.70 6.04 -13.09
C GLU B 91 2.27 7.10 -14.10
N ILE B 92 0.97 7.17 -14.36
CA ILE B 92 0.45 8.11 -15.33
C ILE B 92 -0.73 8.87 -14.75
N GLU B 93 -0.71 10.18 -14.94
CA GLU B 93 -1.85 11.01 -14.46
C GLU B 93 -3.06 10.79 -15.36
N VAL B 94 -4.22 11.21 -14.87
CA VAL B 94 -5.47 11.08 -15.66
C VAL B 94 -5.83 12.47 -16.21
N SER B 95 -6.20 12.53 -17.48
CA SER B 95 -6.55 13.81 -18.11
CA SER B 95 -6.55 13.82 -18.11
C SER B 95 -8.06 14.11 -18.19
N ARG B 96 -8.84 13.03 -18.36
CA ARG B 96 -10.31 13.22 -18.49
C ARG B 96 -11.07 12.00 -17.97
N LEU B 97 -12.24 12.24 -17.39
CA LEU B 97 -13.11 11.16 -16.88
C LEU B 97 -14.34 11.09 -17.77
N PHE B 98 -14.79 9.89 -18.09
CA PHE B 98 -16.01 9.69 -18.88
C PHE B 98 -16.88 8.70 -18.15
N LEU B 99 -17.87 9.18 -17.41
CA LEU B 99 -18.83 8.32 -16.76
C LEU B 99 -19.85 7.83 -17.77
N GLU B 100 -20.22 6.56 -17.67
CA GLU B 100 -21.25 6.05 -18.55
C GLU B 100 -22.53 6.85 -18.37
N PRO B 101 -23.21 7.23 -19.48
CA PRO B 101 -24.24 8.27 -19.41
C PRO B 101 -25.63 7.84 -18.92
N THR B 102 -25.84 6.55 -18.65
CA THR B 102 -27.13 6.07 -18.09
C THR B 102 -26.96 5.67 -16.62
N ARG B 103 -25.90 6.17 -15.96
CA ARG B 103 -25.66 5.89 -14.51
C ARG B 103 -25.29 4.42 -14.28
N LYS B 104 -24.76 3.72 -15.29
CA LYS B 104 -24.27 2.34 -15.08
C LYS B 104 -22.91 2.45 -14.36
N ASP B 105 -22.48 1.38 -13.68
CA ASP B 105 -21.27 1.48 -12.85
C ASP B 105 -19.99 1.22 -13.64
N ILE B 106 -19.79 2.01 -14.71
CA ILE B 106 -18.64 1.85 -15.59
C ILE B 106 -18.22 3.23 -16.07
N ALA B 107 -16.92 3.39 -16.29
CA ALA B 107 -16.33 4.68 -16.65
C ALA B 107 -15.01 4.46 -17.37
N LEU B 108 -14.66 5.43 -18.21
CA LEU B 108 -13.36 5.46 -18.87
C LEU B 108 -12.51 6.58 -18.32
N LEU B 109 -11.20 6.32 -18.22
CA LEU B 109 -10.19 7.32 -17.90
C LEU B 109 -9.28 7.47 -19.11
N LYS B 110 -9.12 8.70 -19.57
CA LYS B 110 -8.14 9.00 -20.61
C LYS B 110 -6.87 9.42 -19.88
N LEU B 111 -5.79 8.69 -20.14
CA LEU B 111 -4.52 8.94 -19.47
C LEU B 111 -3.82 10.17 -20.05
N SER B 112 -2.99 10.80 -19.21
CA SER B 112 -2.29 12.00 -19.63
C SER B 112 -1.23 11.73 -20.69
N SER B 113 -0.80 10.49 -20.82
CA SER B 113 0.12 10.04 -21.85
C SER B 113 -0.18 8.56 -22.12
N PRO B 114 0.15 8.07 -23.32
CA PRO B 114 -0.09 6.65 -23.59
C PRO B 114 0.86 5.77 -22.80
N ALA B 115 0.32 4.70 -22.23
CA ALA B 115 1.16 3.71 -21.58
C ALA B 115 2.15 3.14 -22.60
N VAL B 116 3.35 2.83 -22.14
CA VAL B 116 4.31 2.11 -22.97
C VAL B 116 4.01 0.61 -22.84
N ILE B 117 3.78 -0.04 -23.97
CA ILE B 117 3.49 -1.47 -23.95
C ILE B 117 4.80 -2.21 -23.75
N THR B 118 4.79 -3.15 -22.80
CA THR B 118 5.97 -3.91 -22.43
C THR B 118 5.50 -5.31 -22.06
N ASP B 119 6.44 -6.16 -21.68
CA ASP B 119 6.03 -7.49 -21.26
C ASP B 119 5.13 -7.45 -20.03
N LYS B 120 5.16 -6.36 -19.26
CA LYS B 120 4.40 -6.21 -18.02
C LYS B 120 3.19 -5.30 -18.15
N VAL B 121 3.00 -4.68 -19.30
CA VAL B 121 1.93 -3.71 -19.49
C VAL B 121 1.35 -3.97 -20.88
N ILE B 122 0.17 -4.57 -20.91
CA ILE B 122 -0.45 -5.06 -22.15
C ILE B 122 -1.96 -4.89 -21.99
N PRO B 123 -2.67 -4.33 -22.96
CA PRO B 123 -4.12 -4.15 -22.81
C PRO B 123 -4.89 -5.45 -22.89
N ALA B 124 -6.05 -5.47 -22.22
CA ALA B 124 -7.01 -6.54 -22.36
C ALA B 124 -7.82 -6.35 -23.63
N CYS B 125 -8.41 -7.44 -24.11
CA CYS B 125 -9.29 -7.37 -25.27
C CYS B 125 -10.73 -7.12 -24.84
N LEU B 126 -11.47 -6.42 -25.67
CA LEU B 126 -12.88 -6.22 -25.42
C LEU B 126 -13.69 -7.29 -26.16
N PRO B 127 -14.86 -7.62 -25.62
CA PRO B 127 -15.75 -8.57 -26.30
C PRO B 127 -16.51 -7.88 -27.42
N SER B 128 -17.17 -8.70 -28.22
CA SER B 128 -18.06 -8.18 -29.26
C SER B 128 -19.33 -7.64 -28.64
N PRO B 129 -19.95 -6.63 -29.27
CA PRO B 129 -21.14 -6.01 -28.67
C PRO B 129 -22.22 -7.02 -28.34
N ASN B 130 -22.66 -6.98 -27.08
CA ASN B 130 -23.83 -7.71 -26.58
C ASN B 130 -23.61 -9.20 -26.42
N TYR B 131 -22.36 -9.66 -26.56
CA TYR B 131 -22.03 -11.04 -26.27
C TYR B 131 -22.46 -11.40 -24.85
N VAL B 132 -22.96 -12.63 -24.67
CA VAL B 132 -23.42 -13.11 -23.36
C VAL B 132 -22.54 -14.25 -22.89
N VAL B 133 -21.68 -14.02 -21.89
CA VAL B 133 -20.82 -15.11 -21.39
C VAL B 133 -21.67 -16.23 -20.83
N ALA B 134 -21.36 -17.47 -21.23
CA ALA B 134 -22.21 -18.60 -20.88
C ALA B 134 -22.17 -18.94 -19.40
N ASP B 135 -23.28 -19.49 -18.90
CA ASP B 135 -23.35 -20.08 -17.58
C ASP B 135 -22.17 -21.02 -17.41
N ARG B 136 -21.54 -20.95 -16.24
CA ARG B 136 -20.47 -21.84 -15.78
C ARG B 136 -19.12 -21.57 -16.41
N THR B 137 -18.98 -20.57 -17.27
CA THR B 137 -17.67 -20.23 -17.82
C THR B 137 -16.72 -19.86 -16.68
N GLU B 138 -15.54 -20.47 -16.65
CA GLU B 138 -14.58 -20.13 -15.61
C GLU B 138 -13.79 -18.89 -16.04
N CYS B 139 -13.85 -17.86 -15.20
CA CYS B 139 -13.17 -16.60 -15.46
C CYS B 139 -12.24 -16.30 -14.28
N PHE B 140 -11.46 -15.23 -14.42
CA PHE B 140 -10.55 -14.78 -13.36
C PHE B 140 -10.86 -13.35 -13.00
N ILE B 141 -10.85 -13.07 -11.69
CA ILE B 141 -10.86 -11.71 -11.18
C ILE B 141 -9.53 -11.46 -10.51
N THR B 142 -9.09 -10.20 -10.54
CA THR B 142 -7.80 -9.86 -9.97
C THR B 142 -7.89 -8.52 -9.25
N GLY B 143 -6.98 -8.34 -8.31
CA GLY B 143 -6.95 -7.04 -7.64
C GLY B 143 -6.17 -7.01 -6.35
N TRP B 144 -6.00 -5.81 -5.81
CA TRP B 144 -5.40 -5.62 -4.49
C TRP B 144 -6.58 -5.12 -3.68
N GLY B 145 -7.05 -5.87 -2.74
CA GLY B 145 -8.14 -5.36 -1.88
C GLY B 145 -7.85 -3.98 -1.32
N GLU B 146 -8.20 -3.77 -0.06
CA GLU B 146 -8.05 -2.42 0.52
C GLU B 146 -6.70 -2.25 1.20
N THR B 147 -6.31 -0.98 1.21
CA THR B 147 -5.06 -0.64 1.93
C THR B 147 -5.46 0.38 2.99
N GLN B 148 -5.84 0.19 3.84
CA GLN B 148 -6.28 1.27 4.77
C GLN B 148 -6.03 0.82 6.21
N GLY B 149 -5.20 -0.20 6.42
CA GLY B 149 -4.83 -0.67 7.73
C GLY B 149 -4.57 -2.16 7.88
N THR B 150 -4.87 -2.97 6.87
CA THR B 150 -4.56 -4.38 6.96
C THR B 150 -3.03 -4.57 6.87
N PHE B 151 -2.51 -5.58 7.55
CA PHE B 151 -1.08 -5.88 7.50
C PHE B 151 -0.84 -6.93 6.42
N GLY B 152 -1.26 -6.61 5.20
CA GLY B 152 -1.17 -7.52 4.09
C GLY B 152 0.18 -7.48 3.40
N ALA B 153 0.38 -8.45 2.50
CA ALA B 153 1.59 -8.45 1.71
C ALA B 153 1.53 -7.46 0.54
N GLY B 154 0.35 -6.94 0.21
CA GLY B 154 0.26 -5.94 -0.83
C GLY B 154 0.46 -6.47 -2.23
N LEU B 155 0.34 -7.78 -2.42
CA LEU B 155 0.60 -8.39 -3.71
C LEU B 155 -0.68 -8.64 -4.48
N LEU B 156 -0.59 -8.51 -5.80
CA LEU B 156 -1.78 -8.71 -6.64
C LEU B 156 -2.29 -10.13 -6.49
N LYS B 157 -3.58 -10.26 -6.24
CA LYS B 157 -4.23 -11.55 -6.09
C LYS B 157 -5.19 -11.83 -7.23
N GLU B 158 -5.58 -13.10 -7.31
CA GLU B 158 -6.50 -13.59 -8.33
C GLU B 158 -7.44 -14.61 -7.70
N ALA B 159 -8.57 -14.80 -8.37
CA ALA B 159 -9.44 -15.93 -8.04
C ALA B 159 -10.12 -16.38 -9.33
N GLN B 160 -10.32 -17.67 -9.47
CA GLN B 160 -11.03 -18.27 -10.58
C GLN B 160 -12.46 -18.50 -10.11
N LEU B 161 -13.43 -17.91 -10.81
CA LEU B 161 -14.82 -17.97 -10.41
C LEU B 161 -15.68 -18.35 -11.62
N PRO B 162 -16.70 -19.16 -11.44
CA PRO B 162 -17.61 -19.45 -12.57
C PRO B 162 -18.68 -18.39 -12.72
N VAL B 163 -18.98 -18.07 -13.98
CA VAL B 163 -20.13 -17.24 -14.27
C VAL B 163 -21.41 -17.98 -13.91
N ILE B 164 -22.36 -17.24 -13.37
CA ILE B 164 -23.70 -17.76 -13.06
C ILE B 164 -24.68 -16.96 -13.88
N GLU B 165 -25.42 -17.62 -14.75
CA GLU B 165 -26.30 -16.89 -15.64
C GLU B 165 -27.31 -16.06 -14.86
N ASN B 166 -27.66 -14.90 -15.41
CA ASN B 166 -28.53 -13.93 -14.68
C ASN B 166 -29.82 -14.58 -14.15
N LYS B 167 -30.47 -15.42 -14.96
CA LYS B 167 -31.75 -16.04 -14.52
C LYS B 167 -31.53 -16.79 -13.20
N VAL B 168 -30.42 -17.53 -13.10
CA VAL B 168 -30.12 -18.29 -11.85
C VAL B 168 -29.68 -17.31 -10.76
N CYS B 169 -28.81 -16.36 -11.08
CA CYS B 169 -28.31 -15.43 -10.06
C CYS B 169 -29.44 -14.60 -9.45
N ASN B 170 -30.49 -14.34 -10.21
CA ASN B 170 -31.61 -13.54 -9.71
C ASN B 170 -32.60 -14.34 -8.88
N ARG B 171 -32.41 -15.65 -8.72
CA ARG B 171 -33.32 -16.43 -7.89
C ARG B 171 -33.23 -15.99 -6.43
N TYR B 172 -34.32 -16.29 -5.70
CA TYR B 172 -34.42 -15.88 -4.31
C TYR B 172 -33.21 -16.31 -3.47
N GLU B 173 -32.73 -17.54 -3.66
CA GLU B 173 -31.62 -18.07 -2.85
C GLU B 173 -30.32 -17.32 -3.08
N PHE B 174 -30.19 -16.61 -4.20
CA PHE B 174 -28.96 -15.90 -4.54
C PHE B 174 -29.21 -14.43 -4.38
N LEU B 175 -29.40 -13.66 -5.47
CA LEU B 175 -29.50 -12.22 -5.39
C LEU B 175 -30.93 -11.69 -5.57
N ASN B 176 -31.93 -12.56 -5.70
CA ASN B 176 -33.33 -12.18 -5.53
C ASN B 176 -33.73 -10.94 -6.33
N GLY B 177 -33.52 -11.01 -7.64
CA GLY B 177 -34.05 -10.02 -8.56
C GLY B 177 -33.24 -8.74 -8.70
N ARG B 178 -32.07 -8.65 -8.08
CA ARG B 178 -31.33 -7.40 -8.10
C ARG B 178 -30.49 -7.19 -9.35
N VAL B 179 -30.24 -8.21 -10.14
CA VAL B 179 -29.22 -8.13 -11.19
C VAL B 179 -29.86 -7.73 -12.51
N GLN B 180 -29.30 -6.69 -13.15
CA GLN B 180 -29.83 -6.18 -14.41
C GLN B 180 -29.14 -6.84 -15.60
N SER B 181 -29.76 -6.69 -16.79
CA SER B 181 -29.18 -7.32 -17.98
C SER B 181 -27.82 -6.73 -18.35
N THR B 182 -27.54 -5.51 -17.89
CA THR B 182 -26.25 -4.87 -18.11
C THR B 182 -25.22 -5.31 -17.08
N GLU B 183 -25.53 -6.32 -16.28
CA GLU B 183 -24.63 -6.92 -15.31
C GLU B 183 -24.53 -8.40 -15.55
N LEU B 184 -23.48 -8.99 -14.99
CA LEU B 184 -23.35 -10.43 -14.95
C LEU B 184 -22.93 -10.84 -13.55
N CYS B 185 -23.11 -12.13 -13.26
CA CYS B 185 -22.78 -12.68 -11.95
C CYS B 185 -21.68 -13.72 -12.08
N ALA B 186 -20.82 -13.78 -11.06
CA ALA B 186 -19.83 -14.84 -10.99
C ALA B 186 -19.49 -15.05 -9.53
N GLY B 187 -19.30 -16.31 -9.15
CA GLY B 187 -18.94 -16.53 -7.77
C GLY B 187 -18.83 -17.99 -7.42
N HIS B 188 -18.15 -18.22 -6.30
CA HIS B 188 -18.00 -19.53 -5.69
C HIS B 188 -19.05 -19.62 -4.60
N LEU B 189 -20.11 -20.38 -4.86
CA LEU B 189 -21.29 -20.34 -4.01
C LEU B 189 -21.05 -20.92 -2.61
N ALA B 190 -20.03 -21.75 -2.42
CA ALA B 190 -19.76 -22.26 -1.08
C ALA B 190 -19.16 -21.22 -0.15
N GLY B 191 -18.74 -20.08 -0.68
CA GLY B 191 -18.21 -19.01 0.15
C GLY B 191 -16.69 -19.07 0.25
N GLY B 192 -16.12 -17.93 0.66
CA GLY B 192 -14.71 -17.85 1.03
C GLY B 192 -13.80 -17.25 -0.03
N THR B 193 -14.26 -17.09 -1.27
CA THR B 193 -13.42 -16.57 -2.33
C THR B 193 -14.22 -15.57 -3.13
N ASP B 194 -13.69 -14.35 -3.27
CA ASP B 194 -14.47 -13.30 -3.94
C ASP B 194 -13.58 -12.08 -4.18
N SER B 195 -13.97 -11.27 -5.17
CA SER B 195 -13.48 -9.91 -5.21
C SER B 195 -14.11 -9.12 -4.06
N CYS B 196 -13.48 -8.03 -3.64
CA CYS B 196 -14.07 -7.21 -2.56
C CYS B 196 -13.69 -5.73 -2.72
N GLN B 197 -13.92 -4.92 -1.69
CA GLN B 197 -13.58 -3.48 -1.73
C GLN B 197 -12.10 -3.32 -2.08
N GLY B 198 -11.77 -2.37 -2.95
CA GLY B 198 -10.37 -2.23 -3.40
C GLY B 198 -10.20 -2.92 -4.74
N ASP B 199 -10.93 -4.02 -4.97
CA ASP B 199 -10.90 -4.70 -6.29
C ASP B 199 -11.93 -4.04 -7.22
N ALA B 200 -12.84 -3.22 -6.70
CA ALA B 200 -13.86 -2.64 -7.55
C ALA B 200 -13.23 -1.89 -8.70
N GLY B 201 -13.85 -1.96 -9.87
CA GLY B 201 -13.34 -1.32 -11.05
C GLY B 201 -12.37 -2.17 -11.83
N GLY B 202 -11.84 -3.23 -11.22
CA GLY B 202 -10.90 -4.11 -11.90
C GLY B 202 -11.59 -5.14 -12.78
N PRO B 203 -10.77 -5.98 -13.40
CA PRO B 203 -11.25 -6.87 -14.45
C PRO B 203 -11.84 -8.18 -13.96
N LEU B 204 -12.82 -8.66 -14.74
CA LEU B 204 -13.18 -10.06 -14.83
C LEU B 204 -12.88 -10.48 -16.25
N VAL B 205 -11.93 -11.39 -16.44
CA VAL B 205 -11.52 -11.82 -17.77
C VAL B 205 -11.84 -13.30 -17.95
N CYS B 206 -12.12 -13.70 -19.18
CA CYS B 206 -12.37 -15.10 -19.47
C CYS B 206 -11.54 -15.49 -20.68
N PHE B 207 -10.84 -16.62 -20.58
CA PHE B 207 -10.02 -17.09 -21.69
C PHE B 207 -10.91 -17.60 -22.81
N GLU B 208 -10.56 -17.18 -24.03
CA GLU B 208 -11.36 -17.53 -25.22
C GLU B 208 -10.42 -17.88 -26.37
N LYS B 209 -10.29 -19.16 -26.67
CA LYS B 209 -9.45 -19.66 -27.82
C LYS B 209 -7.95 -19.43 -27.59
N ASP B 210 -7.51 -18.17 -27.56
CA ASP B 210 -6.06 -17.89 -27.48
C ASP B 210 -5.76 -16.62 -26.69
N LYS B 211 -6.75 -16.04 -26.02
CA LYS B 211 -6.49 -14.77 -25.37
C LYS B 211 -7.57 -14.53 -24.32
N TYR B 212 -7.35 -13.54 -23.47
CA TYR B 212 -8.29 -13.18 -22.42
C TYR B 212 -9.15 -12.02 -22.87
N ILE B 213 -10.47 -12.15 -22.68
CA ILE B 213 -11.45 -11.12 -23.01
C ILE B 213 -11.96 -10.51 -21.70
N LEU B 214 -12.00 -9.18 -21.66
CA LEU B 214 -12.55 -8.45 -20.52
C LEU B 214 -14.06 -8.51 -20.62
N GLN B 215 -14.68 -9.37 -19.80
CA GLN B 215 -16.13 -9.53 -19.83
C GLN B 215 -16.87 -8.81 -18.72
N GLY B 216 -16.20 -8.48 -17.61
CA GLY B 216 -16.85 -7.81 -16.50
C GLY B 216 -15.95 -6.78 -15.85
N VAL B 217 -16.61 -5.83 -15.18
CA VAL B 217 -15.95 -4.86 -14.30
C VAL B 217 -16.49 -5.09 -12.91
N THR B 218 -15.60 -5.34 -11.95
CA THR B 218 -16.02 -5.61 -10.58
C THR B 218 -16.84 -4.44 -10.04
N SER B 219 -18.06 -4.72 -9.57
CA SER B 219 -19.01 -3.65 -9.24
C SER B 219 -19.53 -3.70 -7.81
N TRP B 220 -20.32 -4.71 -7.46
CA TRP B 220 -20.97 -4.73 -6.15
C TRP B 220 -21.24 -6.16 -5.73
N GLY B 221 -21.67 -6.31 -4.49
CA GLY B 221 -22.12 -7.60 -4.00
C GLY B 221 -22.82 -7.39 -2.69
N LEU B 222 -23.55 -8.42 -2.26
CA LEU B 222 -24.10 -8.44 -0.90
C LEU B 222 -23.02 -9.02 -0.02
N GLY B 223 -22.21 -8.12 0.55
CA GLY B 223 -21.01 -8.52 1.24
C GLY B 223 -19.97 -9.06 0.27
N CYS B 224 -18.99 -9.76 0.83
CA CYS B 224 -17.96 -10.41 0.04
C CYS B 224 -17.78 -11.83 0.54
N ALA B 225 -17.70 -12.76 -0.40
CA ALA B 225 -17.34 -14.15 -0.15
C ALA B 225 -18.34 -14.87 0.74
N ARG B 226 -19.60 -14.37 0.82
CA ARG B 226 -20.58 -15.08 1.60
C ARG B 226 -21.15 -16.22 0.76
N PRO B 227 -21.51 -17.33 1.38
CA PRO B 227 -22.12 -18.42 0.61
C PRO B 227 -23.37 -17.92 -0.08
N ASN B 228 -23.60 -18.44 -1.29
CA ASN B 228 -24.85 -18.21 -2.01
C ASN B 228 -25.07 -16.75 -2.35
N LYS B 229 -23.99 -15.98 -2.41
CA LYS B 229 -24.06 -14.55 -2.71
C LYS B 229 -22.96 -14.23 -3.70
N PRO B 230 -23.17 -14.52 -4.98
CA PRO B 230 -22.14 -14.25 -5.98
C PRO B 230 -22.01 -12.76 -6.24
N GLY B 231 -20.81 -12.39 -6.65
CA GLY B 231 -20.54 -11.01 -6.99
C GLY B 231 -21.16 -10.59 -8.31
N VAL B 232 -21.36 -9.28 -8.41
CA VAL B 232 -21.96 -8.64 -9.57
C VAL B 232 -20.96 -7.75 -10.28
N TYR B 233 -20.93 -7.86 -11.61
CA TYR B 233 -19.97 -7.20 -12.47
C TYR B 233 -20.74 -6.48 -13.57
N VAL B 234 -20.25 -5.33 -14.00
CA VAL B 234 -20.84 -4.73 -15.18
C VAL B 234 -20.54 -5.61 -16.38
N ARG B 235 -21.55 -5.84 -17.22
CA ARG B 235 -21.38 -6.69 -18.40
C ARG B 235 -20.78 -5.85 -19.52
N VAL B 236 -19.45 -5.99 -19.71
CA VAL B 236 -18.70 -5.09 -20.58
C VAL B 236 -19.27 -5.09 -22.00
N SER B 237 -19.74 -6.25 -22.47
CA SER B 237 -20.22 -6.32 -23.85
C SER B 237 -21.36 -5.36 -24.14
N ARG B 238 -22.12 -4.95 -23.12
CA ARG B 238 -23.24 -4.04 -23.31
C ARG B 238 -22.80 -2.60 -23.42
N PHE B 239 -21.50 -2.35 -23.26
CA PHE B 239 -20.93 -1.02 -23.27
C PHE B 239 -19.84 -0.85 -24.30
N VAL B 240 -19.57 -1.88 -25.10
CA VAL B 240 -18.48 -1.79 -26.08
C VAL B 240 -18.73 -0.69 -27.10
N THR B 241 -19.95 -0.58 -27.63
CA THR B 241 -20.21 0.47 -28.60
C THR B 241 -19.97 1.85 -28.00
N TRP B 242 -20.42 2.06 -26.76
CA TRP B 242 -20.17 3.32 -26.07
C TRP B 242 -18.68 3.57 -25.89
N ILE B 243 -17.97 2.55 -25.43
CA ILE B 243 -16.53 2.67 -25.20
C ILE B 243 -15.82 3.04 -26.49
N GLU B 244 -16.14 2.34 -27.58
CA GLU B 244 -15.48 2.62 -28.84
C GLU B 244 -15.76 4.04 -29.31
N GLY B 245 -17.00 4.53 -29.11
CA GLY B 245 -17.31 5.89 -29.49
C GLY B 245 -16.51 6.91 -28.70
N VAL B 246 -16.36 6.68 -27.39
CA VAL B 246 -15.58 7.63 -26.59
C VAL B 246 -14.14 7.67 -27.06
N MET B 247 -13.53 6.50 -27.30
N MET B 247 -13.44 6.51 -27.31
CA MET B 247 -12.15 6.48 -27.75
CA MET B 247 -12.06 6.48 -27.76
C MET B 247 -12.02 7.13 -29.11
C MET B 247 -11.92 7.14 -29.12
N ARG B 248 -12.98 6.88 -30.00
CA ARG B 248 -12.92 7.43 -31.35
C ARG B 248 -12.99 8.95 -31.34
N ASN B 249 -13.79 9.52 -30.44
CA ASN B 249 -14.11 10.94 -30.49
C ASN B 249 -13.38 11.79 -29.45
N ASN B 250 -12.44 11.21 -28.70
CA ASN B 250 -11.73 12.00 -27.69
C ASN B 250 -10.25 11.66 -27.66
C02 GGI C . 0.21 3.62 4.35
C04 GGI C . 1.73 2.15 5.71
C05 GGI C . 1.94 0.71 6.11
C06 GGI C . 0.90 0.37 7.23
C07 GGI C . 0.97 0.93 8.46
C08 GGI C . 0.04 0.62 9.46
C09 GGI C . -0.99 -0.29 9.16
C11 GGI C . -2.11 -0.36 11.53
C13 GGI C . -1.05 -0.87 7.92
C14 GGI C . -0.12 -0.54 6.95
C15 GGI C . 2.97 2.69 4.94
C17 GGI C . 5.25 3.89 5.24
C18 GGI C . 4.98 5.40 5.46
C19 GGI C . 5.86 6.18 6.25
C20 GGI C . 5.62 7.52 6.44
C21 GGI C . 4.51 8.12 5.87
C22 GGI C . 4.20 9.64 6.03
C24 GGI C . 3.63 7.35 5.07
C25 GGI C . 3.87 6.02 4.90
C27 GGI C . -0.84 3.67 3.27
C28 GGI C . -2.06 2.82 3.56
C29 GGI C . -2.76 3.12 4.93
C30 GGI C . -2.41 2.35 6.06
C31 GGI C . -3.04 2.62 7.23
C32 GGI C . -3.99 3.65 7.30
C34 GGI C . -5.88 4.24 8.93
C35 GGI C . -6.16 4.07 10.46
C37 GGI C . -6.13 1.81 10.77
C38 GGI C . -5.28 0.64 11.26
C40 GGI C . -4.17 -0.15 13.16
C41 GGI C . -3.34 -1.05 12.22
C42 GGI C . -4.32 2.04 12.87
C43 GGI C . -5.20 3.15 12.29
C45 GGI C . -4.37 4.39 6.21
C46 GGI C . -3.72 4.12 5.00
C49 GGI C . 0.51 6.13 1.04
C50 GGI C . 1.47 6.53 1.98
C51 GGI C . 2.75 6.87 1.56
C52 GGI C . 3.08 6.88 0.19
C53 GGI C . 2.12 6.51 -0.76
C54 GGI C . 0.83 6.16 -0.34
N03 GGI C . 0.67 2.29 4.76
N10 GGI C . -1.99 -0.71 10.10
N16 GGI C . 4.04 3.25 5.78
N23 GGI C . 4.85 10.20 7.27
N33 GGI C . -4.57 3.74 8.60
N36 GGI C . -5.50 3.01 10.96
N39 GGI C . -4.84 0.79 12.63
N47 GGI C . -1.16 5.06 3.14
O01 GGI C . 0.68 4.60 4.86
O12 GGI C . -1.35 0.39 12.09
O26 GGI C . 3.08 2.65 3.74
O44 GGI C . -6.60 4.73 8.14
O55 GGI C . -1.91 6.95 1.59
O56 GGI C . -1.78 4.69 0.67
S48 GGI C . -1.16 5.71 1.56
H041 GGI C . 1.55 2.63 6.53
H051 GGI C . 1.81 0.13 5.34
H052 GGI C . 2.85 0.58 6.45
H071 GGI C . 1.65 1.55 8.65
H081 GGI C . 0.11 1.00 10.31
H131 GGI C . -1.71 -1.49 7.73
H141 GGI C . -0.19 -0.94 6.11
H172 GGI C . 5.36 3.69 4.29
H171 GGI C . 6.05 3.60 5.71
H191 GGI C . 6.60 5.78 6.65
H201 GGI C . 6.21 8.03 6.95
H222 GGI C . 3.24 9.77 6.11
H221 GGI C . 4.52 10.13 5.26
H241 GGI C . 2.89 7.76 4.67
H251 GGI C . 3.28 5.52 4.38
H271 GGI C . -0.52 3.28 2.44
H281 GGI C . -1.79 1.89 3.56
H282 GGI C . -2.70 2.96 2.85
H301 GGI C . -1.76 1.69 6.00
H311 GGI C . -2.85 2.11 7.97
H351 GGI C . -5.87 4.87 10.94
H352 GGI C . -7.11 3.95 10.60
H371 GGI C . -6.98 1.81 11.25
H372 GGI C . -6.31 1.70 9.83
H381 GGI C . -5.80 -0.18 11.18
H382 GGI C . -4.49 0.56 10.69
H401 GGI C . -3.55 0.27 13.79
H402 GGI C . -4.78 -0.71 13.65
H411 GGI C . -3.01 -1.80 12.74
H412 GGI C . -3.92 -1.38 11.53
H422 GGI C . -3.44 2.10 12.48
H421 GGI C . -4.25 2.16 13.83
H431 GGI C . -6.04 3.17 12.79
H432 GGI C . -4.75 4.00 12.41
H451 GGI C . -5.03 5.04 6.27
H461 GGI C . -3.94 4.62 4.24
H501 GGI C . 1.24 6.56 2.88
H511 GGI C . 3.40 7.09 2.19
H521 GGI C . 3.95 7.12 -0.09
H531 GGI C . 2.33 6.50 -1.66
H541 GGI C . 0.17 5.93 -0.97
H031 GGI C . 0.29 1.59 4.43
H101 GGI C . -2.60 -1.24 9.79
H161 GGI C . 3.96 3.19 6.63
H231 GGI C . 4.28 10.21 7.94
H232 GGI C . 5.14 11.04 7.12
H331 GGI C . -4.09 3.45 9.25
H471 GGI C . -1.35 5.54 3.83
S SO4 D . 20.19 11.92 33.48
O1 SO4 D . 21.57 12.13 33.01
O2 SO4 D . 19.83 10.50 33.31
O3 SO4 D . 20.11 12.29 34.91
O4 SO4 D . 19.27 12.77 32.70
S SO4 E . 13.97 11.10 34.68
O1 SO4 E . 14.52 10.75 33.34
O2 SO4 E . 14.06 9.92 35.56
O3 SO4 E . 12.57 11.51 34.51
O4 SO4 E . 14.73 12.21 35.30
C02 GGI F . -21.89 -2.38 -2.51
C04 GGI F . -20.57 -1.11 -4.21
C05 GGI F . -20.42 0.30 -4.75
C06 GGI F . -21.60 0.50 -5.76
C07 GGI F . -21.66 -0.15 -6.95
C08 GGI F . -22.72 0.06 -7.85
C09 GGI F . -23.74 0.94 -7.48
C11 GGI F . -25.17 0.76 -9.67
C13 GGI F . -23.68 1.60 -6.27
C14 GGI F . -22.63 1.39 -5.40
C15 GGI F . -19.28 -1.57 -3.51
C17 GGI F . -17.02 -2.84 -3.86
C18 GGI F . -17.28 -4.36 -3.94
C19 GGI F . -16.56 -5.22 -4.81
C20 GGI F . -16.82 -6.59 -4.84
C21 GGI F . -17.83 -7.09 -4.04
C22 GGI F . -18.17 -8.60 -4.01
C24 GGI F . -18.54 -6.24 -3.17
C25 GGI F . -18.27 -4.91 -3.13
C27 GGI F . -22.87 -2.28 -1.32
C28 GGI F . -24.11 -1.48 -1.58
C29 GGI F . -24.93 -1.98 -2.82
C30 GGI F . -25.87 -3.02 -2.65
C31 GGI F . -26.61 -3.43 -3.72
C32 GGI F . -26.37 -2.83 -4.96
C34 GGI F . -28.47 -3.56 -6.29
C35 GGI F . -28.93 -3.67 -7.78
C37 GGI F . -28.93 -1.40 -8.12
C38 GGI F . -28.21 -0.23 -8.82
C40 GGI F . -27.44 0.34 -10.97
C41 GGI F . -26.49 1.35 -10.28
C42 GGI F . -27.38 -1.76 -10.38
C43 GGI F . -28.26 -2.84 -9.76
C45 GGI F . -25.46 -1.80 -5.10
C46 GGI F . -24.73 -1.37 -4.03
C49 GGI F . -21.10 -4.32 1.07
C50 GGI F . -20.29 -5.12 0.24
C51 GGI F . -18.94 -5.29 0.51
C52 GGI F . -18.37 -4.67 1.64
C53 GGI F . -19.17 -3.88 2.49
C54 GGI F . -20.54 -3.72 2.22
N03 GGI F . -21.54 -1.11 -3.16
N10 GGI F . -24.88 1.26 -8.30
N16 GGI F . -18.30 -2.27 -4.36
N23 GGI F . -17.65 -9.33 -5.23
N33 GGI F . -27.08 -3.12 -6.17
N36 GGI F . -28.42 -2.63 -8.43
N39 GGI F . -27.97 -0.54 -10.22
N47 GGI F . -23.15 -3.67 -0.96
O01 GGI F . -21.44 -3.43 -2.87
O12 GGI F . -24.45 -0.02 -10.27
O26 GGI F . -19.00 -1.40 -2.33
O44 GGI F . -29.16 -3.79 -5.39
O55 GGI F . -23.51 -3.13 1.56
O56 GGI F . -23.57 -5.42 0.89
S48 GGI F . -22.89 -4.13 0.69
H041 GGI F . -20.82 -1.68 -4.95
H051 GGI F . -19.56 0.39 -5.20
H052 GGI F . -20.46 0.94 -4.03
H071 GGI F . -20.99 -0.75 -7.18
H081 GGI F . -22.74 -0.38 -8.67
H131 GGI F . -24.36 2.20 -6.04
H141 GGI F . -22.60 1.84 -4.59
H172 GGI F . -16.86 -2.56 -2.94
H171 GGI F . -16.27 -2.58 -4.41
H191 GGI F . -15.90 -4.87 -5.36
H201 GGI F . -16.34 -7.15 -5.39
H222 GGI F . -19.14 -8.71 -3.99
H221 GGI F . -17.80 -9.01 -3.22
H241 GGI F . -19.22 -6.59 -2.63
H251 GGI F . -18.74 -4.35 -2.54
H271 GGI F . -22.47 -1.79 -0.59
H281 GGI F . -23.86 -0.55 -1.73
H282 GGI F . -24.67 -1.52 -0.80
H301 GGI F . -25.97 -3.41 -1.82
H311 GGI F . -27.25 -4.09 -3.61
H351 GGI F . -28.62 -4.49 -8.17
H352 GGI F . -29.90 -3.64 -7.83
H371 GGI F . -29.86 -1.38 -8.37
H372 GGI F . -28.86 -1.27 -7.16
H381 GGI F . -27.36 -0.08 -8.40
H382 GGI F . -28.76 0.56 -8.77
H401 GGI F . -26.94 -0.13 -11.64
H402 GGI F . -28.15 0.85 -11.38
H411 GGI F . -26.24 2.01 -10.94
H412 GGI F . -26.98 1.78 -9.57
H422 GGI F . -26.51 -1.76 -9.94
H421 GGI F . -27.25 -1.95 -11.32
H431 GGI F . -27.86 -3.70 -9.89
H432 GGI F . -29.13 -2.82 -10.18
H451 GGI F . -25.36 -1.40 -5.93
H461 GGI F . -24.10 -0.68 -4.13
H501 GGI F . -20.66 -5.53 -0.51
H511 GGI F . -18.41 -5.82 -0.05
H521 GGI F . -17.46 -4.78 1.84
H531 GGI F . -18.79 -3.47 3.24
H541 GGI F . -21.08 -3.20 2.78
H031 GGI F . -21.92 -0.37 -2.93
H101 GGI F . -25.45 1.81 -7.97
H161 GGI F . -18.46 -2.34 -5.20
H231 GGI F . -18.17 -9.15 -5.92
H232 GGI F . -16.81 -9.05 -5.40
H331 GGI F . -26.64 -3.03 -6.90
H471 GGI F . -23.44 -4.23 -1.54
S SO4 G . 4.83 -17.81 -8.51
O1 SO4 G . 3.56 -17.34 -9.08
O2 SO4 G . 5.09 -19.20 -8.95
O3 SO4 G . 4.74 -17.77 -7.04
O4 SO4 G . 5.95 -16.95 -8.96
S SO4 H . -8.96 19.42 -12.74
O1 SO4 H . -8.66 17.98 -12.84
O2 SO4 H . -10.41 19.62 -13.01
O3 SO4 H . -8.65 19.90 -11.38
O4 SO4 H . -8.16 20.17 -13.72
S SO4 I . -12.75 -10.75 -34.29
O1 SO4 I . -11.47 -11.33 -33.81
O2 SO4 I . -13.34 -11.61 -35.33
O3 SO4 I . -13.70 -10.67 -33.15
O4 SO4 I . -12.51 -9.41 -34.84
C1 GOL J . -32.96 -11.91 -0.01
O1 GOL J . -33.22 -10.72 -0.72
C2 GOL J . -32.13 -12.88 -0.91
O2 GOL J . -31.04 -12.21 -1.56
C3 GOL J . -31.67 -14.01 0.06
O3 GOL J . -31.03 -15.04 -0.69
S SO4 K . -31.84 -8.51 -27.01
O1 SO4 K . -30.54 -8.17 -27.51
O2 SO4 K . -32.40 -9.57 -27.81
O3 SO4 K . -31.71 -8.96 -25.64
O4 SO4 K . -32.69 -7.36 -27.06
#